data_1EKK
#
_entry.id   1EKK
#
_cell.length_a   78.040
_cell.length_b   78.040
_cell.length_c   232.840
_cell.angle_alpha   90.00
_cell.angle_beta   90.00
_cell.angle_gamma   120.00
#
_symmetry.space_group_name_H-M   'H 3'
#
loop_
_entity.id
_entity.type
_entity.pdbx_description
1 polymer 'HYDROXYETHYLTHIAZOLE KINASE'
2 non-polymer 2-(4-METHYL-THIAZOL-5-YL)-ETHANOL
3 non-polymer 'SULFUR DIOXIDE'
4 water water
#
_entity_poly.entity_id   1
_entity_poly.type   'polypeptide(L)'
_entity_poly.pdbx_seq_one_letter_code
;MDAQSAAKCLTAVRRHSPLVHSITNNVVTNFTANGLLALGASPVMAYAKEEVADMAKIAGALVLNIGTLSKESVEAMIIA
GKSANEHGVPVILDPVGAGATPFRTESARDIIREVRLAAIRGNAAEIAHTVGVTDWLIKGVDAGEGGGDIIRLAQQAAQK
LNTVIAITGEVDVIADTSHVYTLHNGHKLLTKVTGAG(CSD)LLTSVVGAFCAVEENPLFAAIAAISSYGVAAQLAAQQT
ADKGPGSFQIELLNKLSTVTEQDVQEWATIERVTVS
;
_entity_poly.pdbx_strand_id   A,B
#
loop_
_chem_comp.id
_chem_comp.type
_chem_comp.name
_chem_comp.formula
SO2 non-polymer 'SULFUR DIOXIDE' 'O2 S'
TZE non-polymer 2-(4-METHYL-THIAZOL-5-YL)-ETHANOL 'C6 H9 N O S'
#
# COMPACT_ATOMS: atom_id res chain seq x y z
N MET A 1 -15.33 19.17 -5.64
CA MET A 1 -14.39 18.39 -4.80
C MET A 1 -14.95 18.20 -3.40
N ASP A 2 -14.43 17.22 -2.67
CA ASP A 2 -14.89 16.94 -1.31
C ASP A 2 -13.71 16.65 -0.39
N ALA A 3 -13.99 16.35 0.87
CA ALA A 3 -12.94 16.05 1.85
C ALA A 3 -12.13 14.84 1.43
N GLN A 4 -12.82 13.81 0.92
CA GLN A 4 -12.16 12.58 0.49
C GLN A 4 -11.13 12.86 -0.60
N SER A 5 -11.52 13.68 -1.57
CA SER A 5 -10.65 14.05 -2.69
C SER A 5 -9.47 14.91 -2.26
N ALA A 6 -9.71 15.85 -1.36
CA ALA A 6 -8.65 16.73 -0.87
C ALA A 6 -7.58 15.90 -0.17
N ALA A 7 -8.02 14.91 0.58
CA ALA A 7 -7.11 14.03 1.32
C ALA A 7 -6.18 13.25 0.40
N LYS A 8 -6.65 12.93 -0.81
CA LYS A 8 -5.84 12.18 -1.77
C LYS A 8 -4.71 13.05 -2.35
N CYS A 9 -4.99 14.33 -2.54
CA CYS A 9 -3.99 15.24 -3.08
C CYS A 9 -2.84 15.44 -2.08
N LEU A 10 -3.15 15.30 -0.79
CA LEU A 10 -2.12 15.45 0.23
C LEU A 10 -1.09 14.32 0.12
N THR A 11 -1.57 13.10 -0.07
CA THR A 11 -0.66 11.96 -0.19
C THR A 11 0.18 12.07 -1.45
N ALA A 12 -0.37 12.68 -2.49
CA ALA A 12 0.33 12.86 -3.74
C ALA A 12 1.52 13.80 -3.54
N VAL A 13 1.29 14.91 -2.86
CA VAL A 13 2.35 15.87 -2.60
C VAL A 13 3.51 15.22 -1.88
N ARG A 14 3.21 14.39 -0.89
CA ARG A 14 4.25 13.71 -0.12
C ARG A 14 5.02 12.68 -0.94
N ARG A 15 4.36 12.06 -1.91
CA ARG A 15 5.03 11.08 -2.75
C ARG A 15 5.98 11.73 -3.75
N HIS A 16 5.55 12.83 -4.36
CA HIS A 16 6.37 13.53 -5.35
C HIS A 16 7.37 14.56 -4.81
N SER A 17 7.11 15.10 -3.62
CA SER A 17 8.01 16.10 -3.02
C SER A 17 8.39 17.17 -4.05
N PRO A 18 7.42 17.94 -4.54
CA PRO A 18 7.71 18.98 -5.54
C PRO A 18 8.64 20.13 -5.11
N LEU A 19 9.43 20.61 -6.06
CA LEU A 19 10.33 21.73 -5.84
C LEU A 19 9.53 23.01 -6.01
N VAL A 20 9.44 23.80 -4.94
CA VAL A 20 8.70 25.05 -4.96
C VAL A 20 9.67 26.24 -4.85
N HIS A 21 9.75 27.04 -5.91
CA HIS A 21 10.63 28.20 -5.99
C HIS A 21 9.94 29.44 -5.42
N SER A 22 10.48 29.99 -4.34
CA SER A 22 9.90 31.19 -3.74
C SER A 22 10.74 32.45 -3.89
N ILE A 23 10.07 33.55 -4.23
CA ILE A 23 10.68 34.87 -4.33
C ILE A 23 9.76 35.60 -3.34
N THR A 24 10.18 35.64 -2.07
CA THR A 24 9.36 36.20 -1.01
C THR A 24 10.05 37.22 -0.09
N ASN A 25 9.33 37.66 0.93
CA ASN A 25 9.84 38.67 1.88
C ASN A 25 10.75 38.06 2.95
N ASN A 26 11.64 38.87 3.51
CA ASN A 26 12.59 38.35 4.48
C ASN A 26 12.10 38.18 5.93
N VAL A 27 10.81 38.34 6.16
CA VAL A 27 10.27 38.15 7.51
C VAL A 27 9.77 36.71 7.64
N VAL A 28 9.51 36.05 6.50
CA VAL A 28 8.97 34.69 6.52
C VAL A 28 9.73 33.61 5.76
N THR A 29 10.94 33.93 5.30
CA THR A 29 11.74 32.95 4.55
C THR A 29 11.98 31.63 5.29
N ASN A 30 12.48 31.72 6.52
CA ASN A 30 12.79 30.52 7.30
C ASN A 30 11.55 29.69 7.62
N PHE A 31 10.48 30.35 8.06
CA PHE A 31 9.23 29.66 8.40
C PHE A 31 8.62 28.98 7.17
N THR A 32 8.59 29.69 6.05
CA THR A 32 8.03 29.14 4.82
C THR A 32 8.80 27.90 4.37
N ALA A 33 10.13 27.95 4.45
CA ALA A 33 10.93 26.81 4.05
C ALA A 33 10.73 25.62 5.01
N ASN A 34 10.68 25.89 6.32
CA ASN A 34 10.49 24.81 7.29
C ASN A 34 9.11 24.17 7.17
N GLY A 35 8.11 24.98 6.83
CA GLY A 35 6.76 24.46 6.67
C GLY A 35 6.65 23.56 5.46
N LEU A 36 7.30 23.95 4.36
CA LEU A 36 7.27 23.15 3.14
C LEU A 36 8.03 21.84 3.39
N LEU A 37 9.16 21.90 4.09
CA LEU A 37 9.90 20.69 4.39
C LEU A 37 9.06 19.74 5.26
N ALA A 38 8.38 20.31 6.26
CA ALA A 38 7.53 19.52 7.17
C ALA A 38 6.41 18.83 6.40
N LEU A 39 5.77 19.58 5.49
CA LEU A 39 4.69 19.05 4.68
C LEU A 39 5.16 17.88 3.83
N GLY A 40 6.39 17.99 3.31
CA GLY A 40 6.93 16.94 2.48
C GLY A 40 7.41 17.42 1.12
N ALA A 41 7.49 18.74 0.94
CA ALA A 41 7.95 19.31 -0.34
C ALA A 41 9.39 19.81 -0.24
N SER A 42 9.91 20.33 -1.35
CA SER A 42 11.30 20.83 -1.40
C SER A 42 11.34 22.32 -1.73
N PRO A 43 11.74 23.15 -0.75
CA PRO A 43 11.79 24.59 -1.03
C PRO A 43 13.12 25.07 -1.59
N VAL A 44 13.06 26.16 -2.37
CA VAL A 44 14.25 26.79 -2.91
C VAL A 44 13.97 28.29 -3.06
N MET A 45 14.85 29.10 -2.48
CA MET A 45 14.74 30.56 -2.58
C MET A 45 15.89 31.07 -3.45
N ALA A 46 15.58 31.95 -4.40
CA ALA A 46 16.55 32.54 -5.31
C ALA A 46 15.92 33.85 -5.80
N TYR A 47 16.65 34.96 -5.68
CA TYR A 47 16.12 36.26 -6.06
C TYR A 47 16.88 37.06 -7.13
N ALA A 48 18.14 36.72 -7.38
CA ALA A 48 18.96 37.46 -8.34
C ALA A 48 18.49 37.37 -9.79
N LYS A 49 18.48 38.52 -10.48
CA LYS A 49 18.04 38.55 -11.88
C LYS A 49 18.87 37.65 -12.78
N GLU A 50 20.12 37.39 -12.41
CA GLU A 50 20.96 36.53 -13.23
C GLU A 50 20.68 35.04 -13.09
N GLU A 51 19.74 34.68 -12.21
CA GLU A 51 19.43 33.25 -12.07
C GLU A 51 17.96 32.86 -11.91
N VAL A 52 17.08 33.81 -11.63
CA VAL A 52 15.67 33.46 -11.43
C VAL A 52 15.02 32.72 -12.61
N ALA A 53 15.36 33.10 -13.83
CA ALA A 53 14.78 32.44 -15.00
C ALA A 53 15.20 30.97 -15.07
N ASP A 54 16.47 30.69 -14.75
CA ASP A 54 17.00 29.33 -14.77
C ASP A 54 16.45 28.46 -13.64
N MET A 55 16.20 29.07 -12.49
CA MET A 55 15.69 28.31 -11.35
C MET A 55 14.20 28.04 -11.56
N ALA A 56 13.47 29.03 -12.04
CA ALA A 56 12.04 28.87 -12.25
C ALA A 56 11.71 27.76 -13.25
N LYS A 57 12.50 27.65 -14.31
CA LYS A 57 12.24 26.63 -15.33
C LYS A 57 12.37 25.19 -14.85
N ILE A 58 13.12 24.95 -13.79
CA ILE A 58 13.28 23.58 -13.28
C ILE A 58 12.43 23.28 -12.04
N ALA A 59 11.58 24.23 -11.65
CA ALA A 59 10.72 24.04 -10.48
C ALA A 59 9.37 23.44 -10.84
N GLY A 60 8.65 23.00 -9.80
CA GLY A 60 7.33 22.42 -10.01
C GLY A 60 6.28 23.51 -9.89
N ALA A 61 6.64 24.60 -9.22
CA ALA A 61 5.75 25.75 -9.04
C ALA A 61 6.57 26.96 -8.63
N LEU A 62 6.03 28.15 -8.91
CA LEU A 62 6.69 29.42 -8.60
C LEU A 62 5.75 30.24 -7.71
N VAL A 63 6.26 30.76 -6.59
CA VAL A 63 5.45 31.57 -5.69
C VAL A 63 6.04 32.99 -5.54
N LEU A 64 5.23 34.00 -5.82
CA LEU A 64 5.65 35.41 -5.73
C LEU A 64 4.95 36.12 -4.57
N ASN A 65 5.75 36.74 -3.69
CA ASN A 65 5.24 37.44 -2.51
C ASN A 65 5.90 38.83 -2.35
N ILE A 66 5.10 39.90 -2.36
CA ILE A 66 5.65 41.25 -2.24
C ILE A 66 5.72 41.85 -0.83
N GLY A 67 5.71 41.01 0.20
CA GLY A 67 5.77 41.49 1.58
C GLY A 67 6.79 42.57 1.92
N THR A 68 8.02 42.46 1.44
CA THR A 68 9.06 43.46 1.70
C THR A 68 9.76 43.73 0.37
N LEU A 69 8.96 44.13 -0.62
CA LEU A 69 9.44 44.39 -1.98
C LEU A 69 10.40 45.56 -2.20
N SER A 70 11.11 45.48 -3.31
CA SER A 70 12.05 46.51 -3.72
C SER A 70 11.89 46.61 -5.24
N LYS A 71 12.44 47.68 -5.82
CA LYS A 71 12.36 47.87 -7.26
C LYS A 71 12.93 46.66 -7.99
N GLU A 72 14.11 46.23 -7.59
CA GLU A 72 14.76 45.08 -8.22
C GLU A 72 14.08 43.72 -8.00
N SER A 73 13.48 43.51 -6.83
CA SER A 73 12.83 42.22 -6.58
C SER A 73 11.55 42.06 -7.41
N VAL A 74 10.85 43.17 -7.67
CA VAL A 74 9.65 43.09 -8.48
C VAL A 74 10.06 42.78 -9.92
N GLU A 75 11.17 43.36 -10.36
CA GLU A 75 11.67 43.11 -11.71
C GLU A 75 12.04 41.63 -11.83
N ALA A 76 12.62 41.06 -10.78
CA ALA A 76 13.00 39.65 -10.80
C ALA A 76 11.78 38.72 -10.84
N MET A 77 10.74 39.07 -10.09
CA MET A 77 9.53 38.27 -10.04
C MET A 77 8.93 38.15 -11.45
N ILE A 78 8.97 39.23 -12.21
CA ILE A 78 8.43 39.25 -13.56
C ILE A 78 9.28 38.42 -14.54
N ILE A 79 10.60 38.52 -14.42
CA ILE A 79 11.48 37.73 -15.28
C ILE A 79 11.24 36.24 -14.97
N ALA A 80 11.10 35.92 -13.69
CA ALA A 80 10.86 34.53 -13.27
C ALA A 80 9.49 34.02 -13.75
N GLY A 81 8.47 34.87 -13.61
CA GLY A 81 7.14 34.48 -14.06
C GLY A 81 7.08 34.19 -15.55
N LYS A 82 7.75 35.02 -16.34
CA LYS A 82 7.78 34.84 -17.79
C LYS A 82 8.42 33.50 -18.15
N SER A 83 9.50 33.17 -17.44
CA SER A 83 10.20 31.92 -17.69
C SER A 83 9.30 30.73 -17.36
N ALA A 84 8.62 30.79 -16.21
CA ALA A 84 7.72 29.71 -15.80
C ALA A 84 6.59 29.57 -16.83
N ASN A 85 6.06 30.69 -17.30
CA ASN A 85 4.99 30.68 -18.29
C ASN A 85 5.45 30.00 -19.58
N GLU A 86 6.73 30.10 -19.87
CA GLU A 86 7.31 29.50 -21.06
C GLU A 86 7.52 27.99 -20.94
N HIS A 87 7.70 27.52 -19.71
CA HIS A 87 7.93 26.09 -19.50
C HIS A 87 6.80 25.34 -18.79
N GLY A 88 5.63 25.96 -18.72
CA GLY A 88 4.48 25.33 -18.10
C GLY A 88 4.51 25.12 -16.58
N VAL A 89 5.17 26.03 -15.86
CA VAL A 89 5.24 25.93 -14.40
C VAL A 89 4.21 26.86 -13.79
N PRO A 90 3.26 26.33 -13.02
CA PRO A 90 2.24 27.21 -12.41
C PRO A 90 2.83 28.27 -11.50
N VAL A 91 2.30 29.48 -11.60
CA VAL A 91 2.74 30.62 -10.80
C VAL A 91 1.60 31.10 -9.89
N ILE A 92 1.93 31.33 -8.62
CA ILE A 92 0.98 31.79 -7.60
C ILE A 92 1.46 33.15 -7.08
N LEU A 93 0.52 34.06 -6.81
CA LEU A 93 0.85 35.40 -6.31
C LEU A 93 0.15 35.77 -4.98
N ASP A 94 0.92 36.35 -4.06
CA ASP A 94 0.38 36.81 -2.77
C ASP A 94 0.69 38.31 -2.75
N PRO A 95 -0.29 39.15 -3.11
CA PRO A 95 -0.12 40.61 -3.14
C PRO A 95 -0.20 41.26 -1.76
N VAL A 96 0.72 40.87 -0.89
CA VAL A 96 0.77 41.38 0.47
C VAL A 96 0.83 42.90 0.57
N GLY A 97 -0.16 43.48 1.25
CA GLY A 97 -0.20 44.92 1.43
C GLY A 97 -0.73 45.75 0.28
N ALA A 98 -1.23 45.10 -0.77
CA ALA A 98 -1.79 45.85 -1.90
C ALA A 98 -2.86 46.78 -1.36
N GLY A 99 -2.74 48.07 -1.65
CA GLY A 99 -3.71 49.05 -1.17
C GLY A 99 -3.18 49.87 -0.01
N ALA A 100 -2.22 49.32 0.72
CA ALA A 100 -1.61 50.00 1.87
C ALA A 100 -0.78 51.21 1.45
N THR A 101 -0.05 51.06 0.35
CA THR A 101 0.78 52.14 -0.19
C THR A 101 0.69 52.01 -1.72
N PRO A 102 0.79 53.14 -2.45
CA PRO A 102 0.71 53.06 -3.91
C PRO A 102 1.80 52.23 -4.59
N PHE A 103 2.97 52.15 -3.96
CA PHE A 103 4.05 51.36 -4.54
C PHE A 103 3.65 49.88 -4.59
N ARG A 104 2.96 49.41 -3.55
CA ARG A 104 2.55 48.03 -3.52
C ARG A 104 1.41 47.77 -4.51
N THR A 105 0.45 48.68 -4.57
CA THR A 105 -0.66 48.51 -5.51
C THR A 105 -0.13 48.48 -6.94
N GLU A 106 0.81 49.38 -7.24
CA GLU A 106 1.40 49.46 -8.56
C GLU A 106 2.16 48.20 -8.96
N SER A 107 3.00 47.72 -8.05
CA SER A 107 3.79 46.52 -8.32
C SER A 107 2.89 45.31 -8.55
N ALA A 108 1.83 45.21 -7.76
CA ALA A 108 0.89 44.09 -7.88
C ALA A 108 0.20 44.11 -9.25
N ARG A 109 -0.23 45.29 -9.68
CA ARG A 109 -0.91 45.42 -10.97
C ARG A 109 0.04 45.13 -12.14
N ASP A 110 1.31 45.48 -11.98
CA ASP A 110 2.30 45.25 -13.03
C ASP A 110 2.54 43.76 -13.22
N ILE A 111 2.62 43.01 -12.12
CA ILE A 111 2.83 41.58 -12.19
C ILE A 111 1.67 40.88 -12.91
N ILE A 112 0.44 41.23 -12.58
CA ILE A 112 -0.70 40.57 -13.23
C ILE A 112 -0.86 40.94 -14.71
N ARG A 113 -0.21 42.02 -15.14
CA ARG A 113 -0.27 42.42 -16.54
C ARG A 113 0.73 41.63 -17.36
N GLU A 114 1.89 41.35 -16.76
CA GLU A 114 2.97 40.65 -17.43
C GLU A 114 3.05 39.13 -17.25
N VAL A 115 2.46 38.60 -16.18
CA VAL A 115 2.53 37.18 -15.91
C VAL A 115 1.17 36.50 -15.81
N ARG A 116 1.05 35.33 -16.43
CA ARG A 116 -0.18 34.54 -16.38
C ARG A 116 -0.12 33.76 -15.06
N LEU A 117 -1.15 33.92 -14.24
CA LEU A 117 -1.19 33.28 -12.92
C LEU A 117 -2.21 32.15 -12.78
N ALA A 118 -1.79 31.09 -12.09
CA ALA A 118 -2.66 29.96 -11.84
C ALA A 118 -3.60 30.30 -10.68
N ALA A 119 -3.12 31.17 -9.78
CA ALA A 119 -3.94 31.57 -8.63
C ALA A 119 -3.40 32.81 -7.91
N ILE A 120 -4.29 33.53 -7.23
CA ILE A 120 -3.94 34.71 -6.46
C ILE A 120 -4.59 34.55 -5.08
N ARG A 121 -3.83 34.80 -4.01
CA ARG A 121 -4.37 34.65 -2.66
C ARG A 121 -4.11 35.85 -1.77
N GLY A 122 -5.16 36.33 -1.08
CA GLY A 122 -5.02 37.47 -0.19
C GLY A 122 -6.34 37.83 0.45
N ASN A 123 -6.36 38.85 1.30
CA ASN A 123 -7.62 39.25 1.93
C ASN A 123 -8.43 40.07 0.93
N ALA A 124 -9.69 40.33 1.28
CA ALA A 124 -10.60 41.08 0.42
C ALA A 124 -10.02 42.38 -0.13
N ALA A 125 -9.51 43.23 0.76
CA ALA A 125 -8.95 44.52 0.33
C ALA A 125 -7.81 44.36 -0.66
N GLU A 126 -6.90 43.43 -0.36
CA GLU A 126 -5.75 43.19 -1.23
C GLU A 126 -6.18 42.75 -2.63
N ILE A 127 -7.19 41.90 -2.71
CA ILE A 127 -7.68 41.41 -4.00
C ILE A 127 -8.38 42.51 -4.80
N ALA A 128 -9.15 43.35 -4.11
CA ALA A 128 -9.87 44.42 -4.78
C ALA A 128 -8.94 45.50 -5.38
N HIS A 129 -7.89 45.87 -4.65
CA HIS A 129 -6.96 46.88 -5.17
C HIS A 129 -6.08 46.33 -6.27
N THR A 130 -5.78 45.04 -6.21
CA THR A 130 -4.93 44.40 -7.22
C THR A 130 -5.67 44.30 -8.56
N VAL A 131 -6.91 43.86 -8.53
CA VAL A 131 -7.69 43.72 -9.75
C VAL A 131 -8.44 45.01 -10.11
N GLY A 132 -8.68 45.85 -9.12
CA GLY A 132 -9.40 47.08 -9.35
C GLY A 132 -10.87 46.78 -9.46
N VAL A 133 -11.50 46.46 -8.32
CA VAL A 133 -12.91 46.11 -8.30
C VAL A 133 -13.64 46.81 -7.15
N THR A 134 -14.81 46.29 -6.80
CA THR A 134 -15.63 46.84 -5.71
C THR A 134 -15.60 45.94 -4.48
N ASP A 135 -16.57 46.13 -3.59
CA ASP A 135 -16.67 45.34 -2.36
C ASP A 135 -15.41 45.50 -1.53
N TRP A 136 -15.54 46.18 -0.38
CA TRP A 136 -14.40 46.40 0.49
C TRP A 136 -14.55 45.68 1.82
N LEU A 137 -13.48 45.02 2.26
CA LEU A 137 -13.47 44.28 3.51
C LEU A 137 -12.03 43.92 3.88
N ILE A 138 -11.73 43.92 5.18
CA ILE A 138 -10.40 43.60 5.66
C ILE A 138 -10.30 42.16 6.17
N LYS A 139 -11.24 41.78 7.03
CA LYS A 139 -11.26 40.43 7.60
C LYS A 139 -12.57 40.14 8.31
N GLY A 140 -13.13 41.17 8.95
CA GLY A 140 -14.39 40.99 9.66
C GLY A 140 -14.18 40.60 11.11
N VAL A 141 -15.21 40.78 11.92
CA VAL A 141 -15.14 40.44 13.33
C VAL A 141 -16.16 39.36 13.69
N ASP A 142 -17.43 39.77 13.80
CA ASP A 142 -18.50 38.84 14.13
C ASP A 142 -19.74 39.13 13.29
N ALA A 143 -20.85 38.48 13.64
CA ALA A 143 -22.12 38.67 12.94
C ALA A 143 -21.97 38.32 11.46
N GLY A 144 -21.73 39.35 10.64
CA GLY A 144 -21.58 39.12 9.21
C GLY A 144 -21.53 40.43 8.43
N GLU A 145 -20.33 40.82 8.01
CA GLU A 145 -20.15 42.06 7.25
C GLU A 145 -20.56 41.87 5.80
N GLY A 146 -20.90 40.65 5.43
CA GLY A 146 -21.32 40.37 4.06
C GLY A 146 -20.64 39.16 3.48
N GLY A 147 -21.41 38.10 3.23
CA GLY A 147 -20.85 36.89 2.67
C GLY A 147 -21.04 36.85 1.17
N GLY A 148 -22.24 37.21 0.73
CA GLY A 148 -22.54 37.23 -0.70
C GLY A 148 -21.71 38.24 -1.45
N ASP A 149 -21.37 39.34 -0.79
CA ASP A 149 -20.57 40.37 -1.44
C ASP A 149 -19.12 39.92 -1.63
N ILE A 150 -18.64 39.06 -0.74
CA ILE A 150 -17.27 38.54 -0.86
C ILE A 150 -17.28 37.51 -1.98
N ILE A 151 -18.34 36.70 -2.02
CA ILE A 151 -18.50 35.67 -3.03
C ILE A 151 -18.53 36.33 -4.41
N ARG A 152 -19.17 37.49 -4.49
CA ARG A 152 -19.29 38.23 -5.74
C ARG A 152 -17.94 38.81 -6.18
N LEU A 153 -17.17 39.34 -5.23
CA LEU A 153 -15.87 39.90 -5.53
C LEU A 153 -14.97 38.82 -6.11
N ALA A 154 -14.97 37.66 -5.46
CA ALA A 154 -14.16 36.52 -5.89
C ALA A 154 -14.47 36.06 -7.31
N GLN A 155 -15.76 35.92 -7.61
CA GLN A 155 -16.18 35.47 -8.93
C GLN A 155 -15.86 36.50 -10.02
N GLN A 156 -16.07 37.78 -9.72
CA GLN A 156 -15.80 38.84 -10.68
C GLN A 156 -14.32 38.89 -11.04
N ALA A 157 -13.46 38.80 -10.02
CA ALA A 157 -12.02 38.84 -10.23
C ALA A 157 -11.55 37.61 -11.00
N ALA A 158 -12.10 36.45 -10.65
CA ALA A 158 -11.73 35.20 -11.30
C ALA A 158 -12.12 35.20 -12.78
N GLN A 159 -13.28 35.75 -13.08
CA GLN A 159 -13.76 35.81 -14.45
C GLN A 159 -12.90 36.75 -15.30
N LYS A 160 -12.57 37.92 -14.76
CA LYS A 160 -11.77 38.88 -15.50
C LYS A 160 -10.34 38.44 -15.81
N LEU A 161 -9.69 37.77 -14.86
CA LEU A 161 -8.31 37.33 -15.07
C LEU A 161 -8.18 35.87 -15.48
N ASN A 162 -9.31 35.18 -15.60
CA ASN A 162 -9.32 33.78 -15.99
C ASN A 162 -8.33 32.97 -15.13
N THR A 163 -8.44 33.14 -13.81
CA THR A 163 -7.56 32.44 -12.88
C THR A 163 -8.36 32.05 -11.63
N VAL A 164 -7.69 31.46 -10.64
CA VAL A 164 -8.36 31.09 -9.40
C VAL A 164 -8.10 32.19 -8.38
N ILE A 165 -9.15 32.58 -7.66
CA ILE A 165 -9.06 33.62 -6.65
C ILE A 165 -9.43 33.00 -5.30
N ALA A 166 -8.53 33.12 -4.34
CA ALA A 166 -8.77 32.57 -3.01
C ALA A 166 -8.73 33.69 -1.98
N ILE A 167 -9.90 34.09 -1.49
CA ILE A 167 -9.97 35.15 -0.50
C ILE A 167 -10.09 34.53 0.89
N THR A 168 -9.03 34.66 1.68
CA THR A 168 -9.02 34.09 3.02
C THR A 168 -9.67 34.95 4.08
N GLY A 169 -10.16 34.29 5.13
CA GLY A 169 -10.82 34.96 6.24
C GLY A 169 -11.28 33.88 7.19
N GLU A 170 -12.10 34.23 8.19
CA GLU A 170 -12.59 33.23 9.12
C GLU A 170 -13.28 32.15 8.30
N VAL A 171 -13.80 32.56 7.15
CA VAL A 171 -14.45 31.67 6.21
C VAL A 171 -13.69 31.91 4.90
N ASP A 172 -13.19 30.86 4.27
CA ASP A 172 -12.45 31.02 3.02
C ASP A 172 -13.36 30.89 1.80
N VAL A 173 -13.19 31.80 0.85
CA VAL A 173 -13.98 31.80 -0.39
C VAL A 173 -13.02 31.59 -1.56
N ILE A 174 -13.24 30.53 -2.34
CA ILE A 174 -12.40 30.22 -3.49
C ILE A 174 -13.24 30.07 -4.75
N ALA A 175 -12.78 30.62 -5.87
CA ALA A 175 -13.54 30.52 -7.11
C ALA A 175 -12.71 30.63 -8.38
N ASP A 176 -13.27 30.09 -9.46
CA ASP A 176 -12.66 30.17 -10.78
C ASP A 176 -13.78 30.73 -11.67
N THR A 177 -13.55 30.81 -12.98
CA THR A 177 -14.57 31.38 -13.86
C THR A 177 -16.01 30.90 -13.66
N SER A 178 -16.21 29.60 -13.45
CA SER A 178 -17.58 29.09 -13.30
C SER A 178 -17.98 28.36 -12.00
N HIS A 179 -17.13 28.38 -10.98
CA HIS A 179 -17.45 27.69 -9.73
C HIS A 179 -17.03 28.51 -8.50
N VAL A 180 -17.78 28.35 -7.41
CA VAL A 180 -17.47 29.04 -6.16
C VAL A 180 -17.66 28.11 -4.97
N TYR A 181 -16.74 28.18 -4.01
CA TYR A 181 -16.79 27.34 -2.81
C TYR A 181 -16.44 28.14 -1.55
N THR A 182 -16.97 27.69 -0.41
CA THR A 182 -16.66 28.32 0.87
C THR A 182 -16.03 27.21 1.72
N LEU A 183 -14.98 27.55 2.46
CA LEU A 183 -14.27 26.58 3.29
C LEU A 183 -14.28 26.97 4.77
N HIS A 184 -14.50 25.99 5.64
CA HIS A 184 -14.53 26.22 7.08
C HIS A 184 -13.46 25.35 7.73
N ASN A 185 -12.31 25.95 8.03
CA ASN A 185 -11.21 25.24 8.66
C ASN A 185 -10.23 26.23 9.29
N GLY A 186 -9.29 25.71 10.08
CA GLY A 186 -8.29 26.58 10.70
C GLY A 186 -8.54 26.96 12.14
N HIS A 187 -7.69 27.83 12.66
CA HIS A 187 -7.79 28.30 14.04
C HIS A 187 -7.25 29.72 14.10
N LYS A 188 -7.79 30.52 15.02
CA LYS A 188 -7.34 31.91 15.14
C LYS A 188 -5.89 32.11 15.59
N LEU A 189 -5.28 31.09 16.18
CA LEU A 189 -3.88 31.25 16.58
C LEU A 189 -2.98 31.45 15.37
N LEU A 190 -3.50 31.21 14.17
CA LEU A 190 -2.68 31.42 12.96
C LEU A 190 -2.38 32.92 12.80
N THR A 191 -3.20 33.78 13.40
CA THR A 191 -2.97 35.23 13.30
C THR A 191 -1.85 35.72 14.23
N LYS A 192 -1.36 34.85 15.12
CA LYS A 192 -0.30 35.22 16.05
C LYS A 192 1.07 34.69 15.63
N VAL A 193 1.13 34.09 14.44
CA VAL A 193 2.38 33.55 13.92
C VAL A 193 2.66 34.23 12.58
N THR A 194 3.71 35.03 12.52
CA THR A 194 4.03 35.74 11.29
C THR A 194 4.40 34.77 10.17
N GLY A 195 3.85 35.02 8.99
CA GLY A 195 4.12 34.15 7.85
C GLY A 195 3.14 33.00 7.71
N ALA A 196 2.20 32.89 8.64
CA ALA A 196 1.22 31.81 8.59
C ALA A 196 0.45 31.84 7.26
N GLY A 197 0.05 33.04 6.84
CA GLY A 197 -0.73 33.17 5.59
C GLY A 197 0.18 32.95 4.38
N CSD A 198 1.34 33.51 4.46
CA CSD A 198 2.30 33.32 3.41
CB CSD A 198 3.54 34.17 3.69
SG CSD A 198 3.15 35.96 4.01
C CSD A 198 2.54 31.78 3.25
O CSD A 198 2.43 31.27 2.13
OD1 CSD A 198 2.57 36.13 5.45
OD2 CSD A 198 2.38 36.55 2.78
N LEU A 199 2.88 31.05 4.36
CA LEU A 199 3.08 29.57 4.28
C LEU A 199 1.95 28.93 3.54
N LEU A 200 0.72 29.34 3.83
CA LEU A 200 -0.43 28.80 3.12
C LEU A 200 -0.32 28.99 1.60
N THR A 201 0.11 30.17 1.17
CA THR A 201 0.25 30.44 -0.27
C THR A 201 1.25 29.46 -0.91
N SER A 202 2.35 29.19 -0.20
CA SER A 202 3.37 28.28 -0.69
C SER A 202 2.86 26.83 -0.74
N VAL A 203 2.03 26.46 0.23
CA VAL A 203 1.46 25.12 0.24
C VAL A 203 0.54 24.97 -0.98
N VAL A 204 -0.17 26.03 -1.33
CA VAL A 204 -1.05 26.01 -2.50
C VAL A 204 -0.16 25.72 -3.71
N GLY A 205 1.02 26.34 -3.72
CA GLY A 205 1.96 26.12 -4.82
C GLY A 205 2.36 24.65 -4.92
N ALA A 206 2.64 24.04 -3.78
CA ALA A 206 3.03 22.62 -3.73
C ALA A 206 1.94 21.72 -4.29
N PHE A 207 0.68 22.01 -3.93
CA PHE A 207 -0.45 21.22 -4.42
C PHE A 207 -0.68 21.41 -5.94
N CYS A 208 -0.45 22.63 -6.43
CA CYS A 208 -0.63 22.92 -7.85
C CYS A 208 0.39 22.18 -8.72
N ALA A 209 1.51 21.81 -8.10
CA ALA A 209 2.58 21.11 -8.79
C ALA A 209 2.21 19.65 -9.05
N VAL A 210 1.21 19.15 -8.35
CA VAL A 210 0.79 17.76 -8.51
C VAL A 210 -0.65 17.56 -9.00
N GLU A 211 -1.46 18.63 -8.97
CA GLU A 211 -2.85 18.54 -9.42
C GLU A 211 -3.09 19.54 -10.55
N GLU A 212 -3.52 19.03 -11.71
CA GLU A 212 -3.74 19.87 -12.88
C GLU A 212 -4.78 20.97 -12.77
N ASN A 213 -5.90 20.71 -12.10
CA ASN A 213 -6.92 21.75 -11.94
C ASN A 213 -6.55 22.62 -10.74
N PRO A 214 -6.15 23.87 -10.99
CA PRO A 214 -5.76 24.77 -9.90
C PRO A 214 -6.84 25.03 -8.83
N LEU A 215 -8.11 24.98 -9.22
CA LEU A 215 -9.18 25.20 -8.24
C LEU A 215 -9.20 24.05 -7.23
N PHE A 216 -9.06 22.82 -7.71
CA PHE A 216 -9.03 21.65 -6.83
C PHE A 216 -7.78 21.66 -5.96
N ALA A 217 -6.65 22.03 -6.56
CA ALA A 217 -5.38 22.07 -5.82
C ALA A 217 -5.49 23.04 -4.65
N ALA A 218 -6.03 24.22 -4.92
CA ALA A 218 -6.18 25.25 -3.90
C ALA A 218 -7.11 24.80 -2.79
N ILE A 219 -8.23 24.17 -3.16
CA ILE A 219 -9.17 23.70 -2.16
C ILE A 219 -8.52 22.66 -1.26
N ALA A 220 -7.79 21.72 -1.86
CA ALA A 220 -7.13 20.66 -1.10
C ALA A 220 -5.99 21.20 -0.23
N ALA A 221 -5.28 22.21 -0.71
CA ALA A 221 -4.18 22.79 0.04
C ALA A 221 -4.70 23.53 1.28
N ILE A 222 -5.70 24.38 1.08
CA ILE A 222 -6.27 25.16 2.18
C ILE A 222 -6.97 24.29 3.23
N SER A 223 -7.62 23.21 2.79
CA SER A 223 -8.30 22.30 3.72
C SER A 223 -7.29 21.54 4.58
N SER A 224 -6.22 21.03 3.96
CA SER A 224 -5.19 20.29 4.68
C SER A 224 -4.44 21.17 5.67
N TYR A 225 -4.09 22.37 5.25
CA TYR A 225 -3.38 23.31 6.12
C TYR A 225 -4.24 23.64 7.34
N GLY A 226 -5.50 23.97 7.07
CA GLY A 226 -6.42 24.31 8.14
C GLY A 226 -6.65 23.21 9.16
N VAL A 227 -6.68 21.96 8.70
CA VAL A 227 -6.88 20.84 9.63
C VAL A 227 -5.63 20.64 10.48
N ALA A 228 -4.46 20.80 9.88
CA ALA A 228 -3.23 20.66 10.61
C ALA A 228 -3.20 21.73 11.71
N ALA A 229 -3.65 22.94 11.37
CA ALA A 229 -3.66 24.05 12.32
C ALA A 229 -4.62 23.80 13.49
N GLN A 230 -5.81 23.28 13.19
CA GLN A 230 -6.78 23.01 14.26
C GLN A 230 -6.25 21.93 15.21
N LEU A 231 -5.72 20.83 14.66
CA LEU A 231 -5.19 19.75 15.48
C LEU A 231 -4.02 20.23 16.34
N ALA A 232 -3.24 21.16 15.82
CA ALA A 232 -2.11 21.71 16.55
C ALA A 232 -2.60 22.59 17.71
N ALA A 233 -3.64 23.39 17.44
CA ALA A 233 -4.19 24.26 18.47
C ALA A 233 -4.79 23.45 19.63
N GLN A 234 -5.36 22.29 19.34
CA GLN A 234 -5.96 21.47 20.40
C GLN A 234 -4.88 21.05 21.39
N GLN A 235 -3.69 20.74 20.87
CA GLN A 235 -2.57 20.32 21.71
C GLN A 235 -1.75 21.52 22.23
N THR A 236 -1.94 22.67 21.59
CA THR A 236 -1.22 23.94 21.88
C THR A 236 -1.96 25.06 22.62
N ALA A 237 -3.27 25.06 22.51
CA ALA A 237 -4.15 26.07 23.08
C ALA A 237 -3.72 26.96 24.27
N ASP A 238 -3.72 26.43 25.49
CA ASP A 238 -3.38 27.32 26.60
C ASP A 238 -1.91 27.51 26.98
N LYS A 239 -1.02 27.04 26.10
CA LYS A 239 0.42 27.22 26.34
C LYS A 239 0.85 28.54 25.71
N GLY A 240 0.36 28.82 24.50
CA GLY A 240 0.71 30.08 23.86
C GLY A 240 1.11 29.98 22.38
N PRO A 241 1.28 31.14 21.72
CA PRO A 241 1.65 31.21 20.30
C PRO A 241 3.03 30.64 19.99
N GLY A 242 3.91 30.61 21.00
CA GLY A 242 5.22 30.05 20.78
C GLY A 242 5.09 28.54 20.55
N SER A 243 4.40 27.86 21.44
CA SER A 243 4.21 26.42 21.34
C SER A 243 3.39 26.01 20.09
N PHE A 244 2.46 26.88 19.70
CA PHE A 244 1.61 26.62 18.53
C PHE A 244 2.43 26.60 17.25
N GLN A 245 3.34 27.57 17.12
CA GLN A 245 4.18 27.65 15.93
C GLN A 245 4.91 26.32 15.73
N ILE A 246 5.48 25.80 16.81
CA ILE A 246 6.22 24.53 16.75
C ILE A 246 5.30 23.34 16.50
N GLU A 247 4.14 23.31 17.13
CA GLU A 247 3.21 22.20 16.92
C GLU A 247 2.60 22.23 15.50
N LEU A 248 2.48 23.41 14.91
CA LEU A 248 1.94 23.52 13.55
C LEU A 248 2.90 22.77 12.61
N LEU A 249 4.20 23.02 12.76
CA LEU A 249 5.17 22.32 11.93
C LEU A 249 5.07 20.81 12.15
N ASN A 250 4.99 20.38 13.41
CA ASN A 250 4.86 18.95 13.71
C ASN A 250 3.66 18.34 12.98
N LYS A 251 2.50 19.00 13.09
CA LYS A 251 1.27 18.49 12.46
C LYS A 251 1.29 18.48 10.94
N LEU A 252 2.01 19.42 10.33
CA LEU A 252 2.10 19.43 8.87
C LEU A 252 2.78 18.14 8.39
N SER A 253 3.57 17.52 9.25
CA SER A 253 4.26 16.30 8.87
C SER A 253 3.53 15.02 9.32
N THR A 254 2.68 15.13 10.34
CA THR A 254 1.95 13.96 10.82
C THR A 254 0.47 13.86 10.46
N VAL A 255 -0.13 14.95 9.96
CA VAL A 255 -1.56 14.91 9.60
C VAL A 255 -1.82 13.87 8.52
N THR A 256 -2.86 13.07 8.72
CA THR A 256 -3.21 12.00 7.79
C THR A 256 -4.40 12.26 6.87
N GLU A 257 -4.66 11.30 6.00
CA GLU A 257 -5.77 11.39 5.06
C GLU A 257 -7.08 11.31 5.85
N GLN A 258 -7.12 10.44 6.86
CA GLN A 258 -8.32 10.29 7.68
C GLN A 258 -8.64 11.60 8.40
N ASP A 259 -7.60 12.26 8.90
CA ASP A 259 -7.77 13.54 9.61
C ASP A 259 -8.48 14.57 8.74
N VAL A 260 -8.00 14.73 7.51
CA VAL A 260 -8.58 15.69 6.57
C VAL A 260 -10.02 15.34 6.23
N GLN A 261 -10.31 14.06 6.06
CA GLN A 261 -11.66 13.61 5.74
C GLN A 261 -12.63 13.94 6.88
N GLU A 262 -12.14 13.88 8.11
CA GLU A 262 -12.97 14.13 9.28
C GLU A 262 -13.15 15.58 9.73
N TRP A 263 -12.13 16.42 9.54
CA TRP A 263 -12.25 17.79 10.02
C TRP A 263 -12.28 18.94 9.02
N ALA A 264 -12.23 18.65 7.72
CA ALA A 264 -12.28 19.71 6.72
C ALA A 264 -13.71 19.87 6.21
N THR A 265 -14.16 21.12 6.13
CA THR A 265 -15.51 21.43 5.69
C THR A 265 -15.46 22.18 4.35
N ILE A 266 -15.97 21.53 3.30
CA ILE A 266 -15.99 22.10 1.95
C ILE A 266 -17.42 22.18 1.42
N GLU A 267 -17.84 23.37 1.01
CA GLU A 267 -19.21 23.55 0.51
C GLU A 267 -19.28 24.31 -0.82
N ARG A 268 -19.88 23.67 -1.82
CA ARG A 268 -20.04 24.27 -3.14
C ARG A 268 -21.23 25.23 -3.10
N VAL A 269 -21.06 26.43 -3.63
CA VAL A 269 -22.13 27.42 -3.65
C VAL A 269 -22.91 27.34 -4.97
N MET B 1 -10.16 -43.86 -5.11
CA MET B 1 -9.24 -44.38 -4.05
C MET B 1 -9.94 -44.44 -2.70
N ASP B 2 -9.52 -45.40 -1.87
CA ASP B 2 -10.09 -45.56 -0.54
C ASP B 2 -8.97 -45.79 0.47
N ALA B 3 -9.33 -46.05 1.72
CA ALA B 3 -8.36 -46.28 2.77
C ALA B 3 -7.34 -47.36 2.43
N GLN B 4 -7.81 -48.43 1.79
CA GLN B 4 -6.94 -49.54 1.42
C GLN B 4 -5.82 -49.18 0.44
N SER B 5 -6.15 -48.39 -0.57
CA SER B 5 -5.15 -47.97 -1.56
C SER B 5 -4.17 -46.98 -0.96
N ALA B 6 -4.67 -46.09 -0.12
CA ALA B 6 -3.82 -45.09 0.51
C ALA B 6 -2.76 -45.80 1.35
N ALA B 7 -3.18 -46.82 2.07
CA ALA B 7 -2.29 -47.60 2.92
C ALA B 7 -1.17 -48.28 2.15
N LYS B 8 -1.46 -48.75 0.94
CA LYS B 8 -0.45 -49.42 0.13
C LYS B 8 0.56 -48.43 -0.44
N CYS B 9 0.14 -47.17 -0.62
CA CYS B 9 1.06 -46.15 -1.13
C CYS B 9 2.13 -45.83 -0.09
N LEU B 10 1.72 -45.86 1.18
CA LEU B 10 2.66 -45.58 2.28
C LEU B 10 3.78 -46.61 2.28
N THR B 11 3.41 -47.88 2.11
CA THR B 11 4.41 -48.95 2.08
C THR B 11 5.33 -48.80 0.87
N ALA B 12 4.80 -48.23 -0.21
CA ALA B 12 5.59 -48.01 -1.42
C ALA B 12 6.67 -46.96 -1.16
N VAL B 13 6.31 -45.88 -0.49
CA VAL B 13 7.25 -44.81 -0.17
C VAL B 13 8.43 -45.30 0.67
N ARG B 14 8.15 -46.11 1.69
CA ARG B 14 9.20 -46.63 2.55
C ARG B 14 10.08 -47.65 1.81
N ARG B 15 9.50 -48.30 0.80
CA ARG B 15 10.25 -49.27 0.02
C ARG B 15 11.22 -48.59 -0.95
N HIS B 16 10.79 -47.48 -1.55
CA HIS B 16 11.64 -46.77 -2.51
C HIS B 16 12.47 -45.63 -1.93
N SER B 17 12.06 -45.10 -0.77
CA SER B 17 12.76 -44.00 -0.12
C SER B 17 13.18 -42.94 -1.15
N PRO B 18 12.20 -42.31 -1.82
CA PRO B 18 12.46 -41.29 -2.83
C PRO B 18 13.23 -40.06 -2.34
N LEU B 19 14.03 -39.50 -3.24
CA LEU B 19 14.81 -38.30 -2.95
C LEU B 19 13.91 -37.10 -3.21
N VAL B 20 13.69 -36.29 -2.17
CA VAL B 20 12.85 -35.12 -2.32
C VAL B 20 13.68 -33.85 -2.15
N HIS B 21 13.79 -33.10 -3.25
CA HIS B 21 14.55 -31.84 -3.31
C HIS B 21 13.63 -30.69 -2.89
N SER B 22 13.99 -29.99 -1.81
CA SER B 22 13.20 -28.87 -1.32
C SER B 22 13.94 -27.54 -1.43
N ILE B 23 13.21 -26.51 -1.88
CA ILE B 23 13.74 -25.15 -1.96
C ILE B 23 12.67 -24.48 -1.10
N THR B 24 12.92 -24.41 0.21
CA THR B 24 11.95 -23.88 1.16
C THR B 24 12.46 -22.77 2.10
N ASN B 25 11.61 -22.38 3.06
CA ASN B 25 11.96 -21.29 3.99
C ASN B 25 12.86 -21.74 5.14
N ASN B 26 13.56 -20.79 5.78
CA ASN B 26 14.47 -21.19 6.84
C ASN B 26 13.86 -21.34 8.24
N VAL B 27 12.54 -21.30 8.34
CA VAL B 27 11.88 -21.50 9.63
C VAL B 27 11.58 -22.99 9.80
N VAL B 28 11.44 -23.71 8.69
CA VAL B 28 11.07 -25.13 8.75
C VAL B 28 12.00 -26.17 8.16
N THR B 29 13.20 -25.78 7.72
CA THR B 29 14.15 -26.71 7.11
C THR B 29 14.46 -27.97 7.91
N ASN B 30 14.92 -27.80 9.14
CA ASN B 30 15.27 -28.95 9.98
C ASN B 30 14.07 -29.87 10.24
N PHE B 31 12.93 -29.29 10.58
CA PHE B 31 11.72 -30.06 10.85
C PHE B 31 11.23 -30.86 9.63
N THR B 32 11.17 -30.24 8.45
CA THR B 32 10.71 -30.96 7.26
C THR B 32 11.70 -32.05 6.87
N ALA B 33 12.99 -31.83 7.11
CA ALA B 33 13.98 -32.86 6.78
C ALA B 33 13.84 -34.02 7.77
N ASN B 34 13.67 -33.72 9.06
CA ASN B 34 13.50 -34.80 10.06
C ASN B 34 12.20 -35.56 9.82
N GLY B 35 11.18 -34.87 9.36
CA GLY B 35 9.90 -35.51 9.09
C GLY B 35 9.98 -36.48 7.93
N LEU B 36 10.69 -36.10 6.87
CA LEU B 36 10.84 -36.97 5.71
C LEU B 36 11.69 -38.19 6.06
N LEU B 37 12.73 -38.00 6.87
CA LEU B 37 13.58 -39.12 7.29
C LEU B 37 12.75 -40.11 8.11
N ALA B 38 11.91 -39.59 9.00
CA ALA B 38 11.07 -40.45 9.85
C ALA B 38 10.09 -41.25 9.01
N LEU B 39 9.48 -40.58 8.04
CA LEU B 39 8.51 -41.23 7.15
C LEU B 39 9.13 -42.37 6.37
N GLY B 40 10.37 -42.18 5.94
CA GLY B 40 11.07 -43.21 5.17
C GLY B 40 11.63 -42.71 3.84
N ALA B 41 11.57 -41.40 3.61
CA ALA B 41 12.08 -40.81 2.37
C ALA B 41 13.47 -40.21 2.57
N SER B 42 14.03 -39.60 1.53
CA SER B 42 15.37 -38.99 1.61
C SER B 42 15.33 -37.51 1.21
N PRO B 43 15.54 -36.62 2.18
CA PRO B 43 15.51 -35.18 1.90
C PRO B 43 16.83 -34.58 1.42
N VAL B 44 16.73 -33.55 0.58
CA VAL B 44 17.91 -32.82 0.12
C VAL B 44 17.50 -31.37 -0.11
N MET B 45 18.24 -30.45 0.51
CA MET B 45 17.98 -29.01 0.34
C MET B 45 19.11 -28.39 -0.49
N ALA B 46 18.78 -27.70 -1.57
CA ALA B 46 19.78 -27.03 -2.44
C ALA B 46 19.11 -25.80 -3.05
N TYR B 47 19.76 -24.64 -2.89
CA TYR B 47 19.18 -23.36 -3.34
C TYR B 47 19.94 -22.55 -4.39
N ALA B 48 21.25 -22.78 -4.51
CA ALA B 48 22.09 -22.02 -5.44
C ALA B 48 21.72 -22.14 -6.92
N LYS B 49 21.73 -21.01 -7.62
CA LYS B 49 21.41 -20.98 -9.04
C LYS B 49 22.38 -21.86 -9.84
N GLU B 50 23.62 -21.99 -9.36
CA GLU B 50 24.60 -22.80 -10.08
C GLU B 50 24.45 -24.31 -9.89
N GLU B 51 23.46 -24.75 -9.11
CA GLU B 51 23.28 -26.19 -8.91
C GLU B 51 21.85 -26.72 -8.86
N VAL B 52 20.83 -25.87 -8.70
CA VAL B 52 19.46 -26.38 -8.60
C VAL B 52 18.96 -27.17 -9.81
N ALA B 53 19.44 -26.84 -11.01
CA ALA B 53 18.99 -27.57 -12.19
C ALA B 53 19.52 -29.01 -12.15
N ASP B 54 20.78 -29.18 -11.74
CA ASP B 54 21.39 -30.49 -11.65
C ASP B 54 20.82 -31.36 -10.52
N MET B 55 20.48 -30.73 -9.40
CA MET B 55 19.94 -31.49 -8.28
C MET B 55 18.51 -31.94 -8.57
N ALA B 56 17.73 -31.07 -9.19
CA ALA B 56 16.34 -31.41 -9.51
C ALA B 56 16.20 -32.57 -10.51
N LYS B 57 17.10 -32.63 -11.49
CA LYS B 57 17.02 -33.70 -12.49
C LYS B 57 17.27 -35.10 -11.93
N ILE B 58 17.91 -35.20 -10.76
CA ILE B 58 18.16 -36.51 -10.16
C ILE B 58 17.21 -36.81 -8.98
N ALA B 59 16.27 -35.90 -8.73
CA ALA B 59 15.32 -36.07 -7.63
C ALA B 59 14.05 -36.78 -8.05
N GLY B 60 13.33 -37.31 -7.06
CA GLY B 60 12.08 -38.01 -7.33
C GLY B 60 10.92 -37.03 -7.35
N ALA B 61 11.09 -35.89 -6.68
CA ALA B 61 10.09 -34.84 -6.63
C ALA B 61 10.76 -33.53 -6.21
N LEU B 62 10.16 -32.41 -6.61
CA LEU B 62 10.68 -31.06 -6.30
C LEU B 62 9.60 -30.29 -5.54
N VAL B 63 9.95 -29.75 -4.37
CA VAL B 63 8.99 -28.97 -3.57
C VAL B 63 9.45 -27.51 -3.45
N LEU B 64 8.56 -26.59 -3.83
CA LEU B 64 8.81 -25.14 -3.79
C LEU B 64 7.97 -24.45 -2.72
N ASN B 65 8.63 -23.73 -1.80
CA ASN B 65 7.94 -23.06 -0.70
C ASN B 65 8.44 -21.61 -0.54
N ILE B 66 7.54 -20.63 -0.69
CA ILE B 66 7.93 -19.22 -0.58
C ILE B 66 7.84 -18.59 0.82
N GLY B 67 7.79 -19.43 1.86
CA GLY B 67 7.70 -18.94 3.23
C GLY B 67 8.57 -17.75 3.60
N THR B 68 9.83 -17.75 3.17
CA THR B 68 10.74 -16.64 3.46
C THR B 68 11.52 -16.30 2.18
N LEU B 69 10.76 -16.08 1.11
CA LEU B 69 11.31 -15.79 -0.22
C LEU B 69 12.18 -14.54 -0.38
N SER B 70 13.02 -14.58 -1.40
CA SER B 70 13.90 -13.47 -1.77
C SER B 70 13.88 -13.42 -3.30
N LYS B 71 14.31 -12.30 -3.88
CA LYS B 71 14.33 -12.19 -5.34
C LYS B 71 15.15 -13.32 -5.94
N GLU B 72 16.30 -13.61 -5.34
CA GLU B 72 17.15 -14.67 -5.85
C GLU B 72 16.60 -16.08 -5.65
N SER B 73 15.92 -16.34 -4.53
CA SER B 73 15.40 -17.70 -4.33
C SER B 73 14.25 -18.01 -5.29
N VAL B 74 13.46 -17.00 -5.63
CA VAL B 74 12.35 -17.20 -6.58
C VAL B 74 12.92 -17.54 -7.96
N GLU B 75 13.97 -16.83 -8.37
CA GLU B 75 14.60 -17.08 -9.65
C GLU B 75 15.13 -18.53 -9.68
N ALA B 76 15.70 -18.98 -8.56
CA ALA B 76 16.22 -20.33 -8.45
C ALA B 76 15.09 -21.38 -8.48
N MET B 77 13.95 -21.06 -7.89
CA MET B 77 12.83 -22.00 -7.89
C MET B 77 12.35 -22.23 -9.33
N ILE B 78 12.35 -21.17 -10.13
CA ILE B 78 11.93 -21.25 -11.52
C ILE B 78 12.95 -22.06 -12.35
N ILE B 79 14.24 -21.83 -12.11
CA ILE B 79 15.30 -22.57 -12.81
C ILE B 79 15.17 -24.08 -12.50
N ALA B 80 14.89 -24.39 -11.23
CA ALA B 80 14.74 -25.78 -10.80
C ALA B 80 13.46 -26.40 -11.39
N GLY B 81 12.37 -25.65 -11.37
CA GLY B 81 11.11 -26.14 -11.92
C GLY B 81 11.18 -26.49 -13.40
N LYS B 82 11.85 -25.65 -14.18
CA LYS B 82 11.97 -25.90 -15.62
C LYS B 82 12.78 -27.17 -15.87
N SER B 83 13.82 -27.36 -15.06
CA SER B 83 14.67 -28.54 -15.20
C SER B 83 13.86 -29.79 -14.84
N ALA B 84 13.08 -29.68 -13.75
CA ALA B 84 12.26 -30.81 -13.32
C ALA B 84 11.28 -31.17 -14.44
N ASN B 85 10.63 -30.15 -15.00
CA ASN B 85 9.66 -30.37 -16.09
C ASN B 85 10.30 -31.12 -17.25
N GLU B 86 11.50 -30.69 -17.67
CA GLU B 86 12.19 -31.33 -18.77
C GLU B 86 12.51 -32.80 -18.51
N HIS B 87 12.68 -33.18 -17.25
CA HIS B 87 13.00 -34.56 -16.93
C HIS B 87 11.85 -35.37 -16.32
N GLY B 88 10.65 -34.83 -16.39
CA GLY B 88 9.49 -35.53 -15.86
C GLY B 88 9.43 -35.72 -14.35
N VAL B 89 10.00 -34.77 -13.59
CA VAL B 89 9.98 -34.84 -12.13
C VAL B 89 8.83 -33.97 -11.63
N PRO B 90 7.88 -34.55 -10.87
CA PRO B 90 6.75 -33.79 -10.36
C PRO B 90 7.12 -32.63 -9.45
N VAL B 91 6.48 -31.48 -9.66
CA VAL B 91 6.74 -30.29 -8.85
C VAL B 91 5.50 -29.86 -8.04
N ILE B 92 5.70 -29.64 -6.74
CA ILE B 92 4.62 -29.22 -5.84
C ILE B 92 4.91 -27.80 -5.33
N LEU B 93 3.89 -26.93 -5.32
CA LEU B 93 4.07 -25.56 -4.84
C LEU B 93 3.23 -25.25 -3.58
N ASP B 94 3.82 -24.49 -2.65
CA ASP B 94 3.14 -24.07 -1.43
C ASP B 94 3.28 -22.54 -1.41
N PRO B 95 2.19 -21.81 -1.74
CA PRO B 95 2.22 -20.35 -1.76
C PRO B 95 2.00 -19.68 -0.40
N VAL B 96 2.89 -19.98 0.55
CA VAL B 96 2.81 -19.45 1.91
C VAL B 96 2.72 -17.92 1.99
N GLY B 97 1.68 -17.43 2.65
CA GLY B 97 1.51 -16.01 2.81
C GLY B 97 1.01 -15.24 1.60
N ALA B 98 0.65 -15.94 0.53
CA ALA B 98 0.13 -15.27 -0.65
C ALA B 98 -1.08 -14.47 -0.18
N GLY B 99 -1.10 -13.18 -0.50
CA GLY B 99 -2.20 -12.34 -0.08
C GLY B 99 -1.75 -11.38 1.02
N ALA B 100 -0.81 -11.83 1.85
CA ALA B 100 -0.31 -11.01 2.95
C ALA B 100 0.43 -9.77 2.44
N THR B 101 1.30 -9.97 1.44
CA THR B 101 2.04 -8.88 0.83
C THR B 101 1.97 -9.07 -0.69
N PRO B 102 2.09 -7.97 -1.46
CA PRO B 102 2.05 -8.06 -2.92
C PRO B 102 3.18 -8.91 -3.50
N PHE B 103 4.36 -8.81 -2.89
CA PHE B 103 5.53 -9.56 -3.35
C PHE B 103 5.31 -11.07 -3.34
N ARG B 104 4.54 -11.58 -2.37
CA ARG B 104 4.30 -13.01 -2.28
C ARG B 104 3.25 -13.47 -3.30
N THR B 105 2.21 -12.68 -3.47
CA THR B 105 1.17 -13.00 -4.44
C THR B 105 1.79 -13.03 -5.84
N GLU B 106 2.56 -11.99 -6.16
CA GLU B 106 3.22 -11.86 -7.45
C GLU B 106 4.20 -13.00 -7.75
N SER B 107 5.03 -13.33 -6.76
CA SER B 107 6.01 -14.41 -6.90
C SER B 107 5.33 -15.77 -7.11
N ALA B 108 4.21 -16.01 -6.46
CA ALA B 108 3.53 -17.29 -6.64
C ALA B 108 3.00 -17.37 -8.07
N ARG B 109 2.46 -16.26 -8.57
CA ARG B 109 1.94 -16.21 -9.93
C ARG B 109 3.05 -16.33 -10.96
N ASP B 110 4.23 -15.77 -10.65
CA ASP B 110 5.36 -15.84 -11.56
C ASP B 110 5.78 -17.30 -11.75
N ILE B 111 5.78 -18.05 -10.66
CA ILE B 111 6.13 -19.47 -10.71
C ILE B 111 5.11 -20.24 -11.53
N ILE B 112 3.83 -19.94 -11.31
CA ILE B 112 2.76 -20.60 -12.03
C ILE B 112 2.85 -20.35 -13.54
N ARG B 113 3.25 -19.15 -13.93
CA ARG B 113 3.36 -18.85 -15.37
C ARG B 113 4.55 -19.54 -16.03
N GLU B 114 5.54 -19.93 -15.24
CA GLU B 114 6.74 -20.55 -15.81
C GLU B 114 6.92 -22.05 -15.62
N VAL B 115 6.36 -22.61 -14.56
CA VAL B 115 6.54 -24.02 -14.25
C VAL B 115 5.26 -24.85 -14.23
N ARG B 116 5.32 -26.06 -14.79
CA ARG B 116 4.18 -26.97 -14.79
C ARG B 116 4.14 -27.60 -13.41
N LEU B 117 3.01 -27.49 -12.72
CA LEU B 117 2.89 -28.02 -11.36
C LEU B 117 2.00 -29.24 -11.23
N ALA B 118 2.44 -30.21 -10.45
CA ALA B 118 1.66 -31.43 -10.22
C ALA B 118 0.55 -31.12 -9.22
N ALA B 119 0.84 -30.21 -8.29
CA ALA B 119 -0.14 -29.81 -7.28
C ALA B 119 0.24 -28.52 -6.55
N ILE B 120 -0.77 -27.86 -5.99
CA ILE B 120 -0.60 -26.62 -5.23
C ILE B 120 -1.35 -26.86 -3.91
N ARG B 121 -0.70 -26.59 -2.80
CA ARG B 121 -1.29 -26.79 -1.47
C ARG B 121 -1.22 -25.55 -0.59
N GLY B 122 -2.37 -25.17 -0.01
CA GLY B 122 -2.41 -24.00 0.87
C GLY B 122 -3.79 -23.85 1.48
N ASN B 123 -4.01 -22.80 2.26
CA ASN B 123 -5.32 -22.57 2.85
C ASN B 123 -6.18 -21.76 1.88
N ALA B 124 -7.47 -21.64 2.20
CA ALA B 124 -8.43 -20.92 1.35
C ALA B 124 -7.95 -19.56 0.88
N ALA B 125 -7.64 -18.67 1.82
CA ALA B 125 -7.19 -17.33 1.48
C ALA B 125 -6.00 -17.32 0.54
N GLU B 126 -4.97 -18.13 0.83
CA GLU B 126 -3.78 -18.19 0.00
C GLU B 126 -4.12 -18.62 -1.43
N ILE B 127 -4.93 -19.65 -1.58
CA ILE B 127 -5.30 -20.14 -2.90
C ILE B 127 -6.11 -19.10 -3.67
N ALA B 128 -7.05 -18.45 -2.98
CA ALA B 128 -7.90 -17.43 -3.60
C ALA B 128 -7.09 -16.25 -4.15
N HIS B 129 -6.15 -15.76 -3.35
CA HIS B 129 -5.32 -14.64 -3.77
C HIS B 129 -4.38 -15.04 -4.90
N THR B 130 -3.91 -16.28 -4.89
CA THR B 130 -3.01 -16.76 -5.92
C THR B 130 -3.72 -16.87 -7.27
N VAL B 131 -4.98 -17.31 -7.26
CA VAL B 131 -5.72 -17.45 -8.51
C VAL B 131 -6.61 -16.25 -8.84
N GLY B 132 -6.39 -15.14 -8.14
CA GLY B 132 -7.15 -13.91 -8.40
C GLY B 132 -8.63 -13.89 -8.10
N VAL B 133 -9.10 -14.73 -7.17
CA VAL B 133 -10.52 -14.76 -6.83
C VAL B 133 -10.82 -14.18 -5.45
N THR B 134 -11.26 -15.02 -4.52
CA THR B 134 -11.61 -14.60 -3.16
C THR B 134 -10.47 -13.90 -2.42
N ASP B 135 -10.84 -13.19 -1.35
CA ASP B 135 -9.86 -12.46 -0.54
C ASP B 135 -10.33 -12.36 0.92
N TRP B 136 -10.11 -13.43 1.68
CA TRP B 136 -10.51 -13.45 3.08
C TRP B 136 -9.87 -14.64 3.82
N LEU B 137 -9.23 -14.33 4.95
CA LEU B 137 -8.57 -15.35 5.76
C LEU B 137 -9.45 -16.55 6.07
N ILE B 138 -8.82 -17.62 6.57
CA ILE B 138 -9.55 -18.84 6.90
C ILE B 138 -10.04 -18.83 8.35
N LYS B 139 -11.10 -19.59 8.62
CA LYS B 139 -11.66 -19.67 9.96
C LYS B 139 -12.06 -21.10 10.28
N GLY B 140 -11.47 -21.65 11.35
CA GLY B 140 -11.77 -23.01 11.75
C GLY B 140 -12.76 -23.08 12.89
N VAL B 141 -12.38 -23.80 13.94
CA VAL B 141 -13.23 -23.96 15.12
C VAL B 141 -14.55 -24.65 14.77
N ASP B 142 -15.55 -23.86 14.41
CA ASP B 142 -16.85 -24.40 14.05
C ASP B 142 -16.80 -25.17 12.73
N ALA B 143 -17.34 -26.38 12.73
CA ALA B 143 -17.35 -27.22 11.54
C ALA B 143 -18.46 -26.79 10.59
N GLY B 144 -19.51 -26.20 11.14
CA GLY B 144 -20.62 -25.75 10.31
C GLY B 144 -20.25 -24.55 9.45
N GLU B 145 -19.99 -24.80 8.18
CA GLU B 145 -19.63 -23.75 7.24
C GLU B 145 -19.87 -24.20 5.80
N GLY B 146 -20.18 -23.25 4.93
CA GLY B 146 -20.43 -23.58 3.53
C GLY B 146 -19.24 -24.22 2.85
N GLY B 147 -19.26 -25.55 2.75
CA GLY B 147 -18.17 -26.26 2.11
C GLY B 147 -18.26 -26.17 0.60
N GLY B 148 -19.48 -25.94 0.10
CA GLY B 148 -19.68 -25.83 -1.33
C GLY B 148 -18.90 -24.65 -1.88
N ASP B 149 -18.69 -23.65 -1.02
CA ASP B 149 -17.94 -22.45 -1.38
C ASP B 149 -16.48 -22.84 -1.64
N ILE B 150 -15.94 -23.66 -0.74
CA ILE B 150 -14.56 -24.12 -0.85
C ILE B 150 -14.39 -25.14 -1.98
N ILE B 151 -15.39 -25.98 -2.16
CA ILE B 151 -15.33 -26.99 -3.22
C ILE B 151 -15.29 -26.33 -4.59
N ARG B 152 -16.05 -25.26 -4.77
CA ARG B 152 -16.08 -24.54 -6.05
C ARG B 152 -14.75 -23.83 -6.30
N LEU B 153 -14.16 -23.29 -5.24
CA LEU B 153 -12.89 -22.60 -5.34
C LEU B 153 -11.80 -23.55 -5.86
N ALA B 154 -11.74 -24.73 -5.27
CA ALA B 154 -10.75 -25.73 -5.65
C ALA B 154 -10.96 -26.31 -7.05
N GLN B 155 -12.20 -26.64 -7.36
CA GLN B 155 -12.52 -27.22 -8.67
C GLN B 155 -12.23 -26.29 -9.84
N GLN B 156 -12.67 -25.04 -9.75
CA GLN B 156 -12.43 -24.10 -10.83
C GLN B 156 -10.93 -23.81 -11.00
N ALA B 157 -10.21 -23.77 -9.88
CA ALA B 157 -8.78 -23.52 -9.93
C ALA B 157 -8.06 -24.68 -10.63
N ALA B 158 -8.40 -25.91 -10.25
CA ALA B 158 -7.78 -27.09 -10.84
C ALA B 158 -8.02 -27.13 -12.35
N GLN B 159 -9.20 -26.67 -12.76
CA GLN B 159 -9.58 -26.66 -14.17
C GLN B 159 -8.75 -25.66 -14.98
N LYS B 160 -8.63 -24.43 -14.50
CA LYS B 160 -7.87 -23.40 -15.20
C LYS B 160 -6.36 -23.69 -15.26
N LEU B 161 -5.81 -24.27 -14.20
CA LEU B 161 -4.38 -24.56 -14.15
C LEU B 161 -4.01 -26.00 -14.54
N ASN B 162 -5.01 -26.82 -14.82
CA ASN B 162 -4.79 -28.21 -15.20
C ASN B 162 -3.84 -28.91 -14.24
N THR B 163 -4.17 -28.86 -12.95
CA THR B 163 -3.35 -29.46 -11.90
C THR B 163 -4.23 -29.86 -10.71
N VAL B 164 -3.61 -30.31 -9.63
CA VAL B 164 -4.34 -30.71 -8.42
C VAL B 164 -4.30 -29.55 -7.43
N ILE B 165 -5.43 -29.26 -6.79
CA ILE B 165 -5.51 -28.18 -5.82
C ILE B 165 -5.93 -28.76 -4.46
N ALA B 166 -5.03 -28.70 -3.49
CA ALA B 166 -5.31 -29.21 -2.15
C ALA B 166 -5.45 -28.07 -1.15
N ILE B 167 -6.68 -27.83 -0.69
CA ILE B 167 -6.95 -26.76 0.26
C ILE B 167 -7.14 -27.34 1.66
N THR B 168 -6.22 -26.99 2.56
CA THR B 168 -6.26 -27.50 3.92
C THR B 168 -7.12 -26.71 4.91
N GLY B 169 -7.55 -27.41 5.94
CA GLY B 169 -8.38 -26.83 6.98
C GLY B 169 -8.82 -27.97 7.88
N GLU B 170 -9.75 -27.73 8.78
CA GLU B 170 -10.23 -28.79 9.65
C GLU B 170 -10.65 -29.95 8.76
N VAL B 171 -11.25 -29.60 7.63
CA VAL B 171 -11.69 -30.58 6.64
C VAL B 171 -10.94 -30.21 5.36
N ASP B 172 -10.19 -31.16 4.81
CA ASP B 172 -9.41 -30.89 3.61
C ASP B 172 -10.23 -31.15 2.34
N VAL B 173 -10.00 -30.31 1.34
CA VAL B 173 -10.70 -30.43 0.05
C VAL B 173 -9.64 -30.57 -1.03
N ILE B 174 -9.69 -31.67 -1.79
CA ILE B 174 -8.72 -31.91 -2.86
C ILE B 174 -9.46 -32.10 -4.17
N ALA B 175 -8.98 -31.47 -5.23
CA ALA B 175 -9.64 -31.58 -6.53
C ALA B 175 -8.69 -31.50 -7.72
N ASP B 176 -9.14 -32.08 -8.82
CA ASP B 176 -8.42 -32.03 -10.07
C ASP B 176 -9.53 -31.68 -11.06
N THR B 177 -9.23 -31.61 -12.35
CA THR B 177 -10.25 -31.23 -13.33
C THR B 177 -11.62 -31.89 -13.19
N SER B 178 -11.66 -33.21 -13.00
CA SER B 178 -12.95 -33.89 -12.92
C SER B 178 -13.30 -34.67 -11.65
N HIS B 179 -12.53 -34.48 -10.58
CA HIS B 179 -12.79 -35.18 -9.31
C HIS B 179 -12.61 -34.26 -8.11
N VAL B 180 -13.38 -34.50 -7.06
CA VAL B 180 -13.30 -33.71 -5.82
C VAL B 180 -13.49 -34.63 -4.63
N TYR B 181 -12.64 -34.50 -3.63
CA TYR B 181 -12.70 -35.32 -2.41
C TYR B 181 -12.59 -34.45 -1.15
N THR B 182 -13.12 -34.95 -0.04
CA THR B 182 -13.02 -34.27 1.24
C THR B 182 -12.35 -35.27 2.18
N LEU B 183 -11.34 -34.82 2.92
CA LEU B 183 -10.62 -35.69 3.85
C LEU B 183 -10.83 -35.23 5.29
N HIS B 184 -11.07 -36.18 6.19
CA HIS B 184 -11.38 -35.85 7.58
C HIS B 184 -10.44 -36.40 8.66
N ASN B 185 -9.13 -36.22 8.51
CA ASN B 185 -8.18 -36.69 9.52
C ASN B 185 -7.29 -35.54 10.02
N GLY B 186 -6.49 -35.79 11.05
CA GLY B 186 -5.62 -34.76 11.59
C GLY B 186 -6.05 -34.32 12.98
N HIS B 187 -5.34 -33.37 13.58
CA HIS B 187 -5.65 -32.89 14.92
C HIS B 187 -5.31 -31.40 15.07
N LYS B 188 -6.02 -30.71 15.94
CA LYS B 188 -5.80 -29.27 16.16
C LYS B 188 -4.40 -28.90 16.66
N LEU B 189 -3.74 -29.83 17.35
CA LEU B 189 -2.40 -29.54 17.85
C LEU B 189 -1.41 -29.23 16.73
N LEU B 190 -1.75 -29.60 15.50
CA LEU B 190 -0.88 -29.31 14.37
C LEU B 190 -0.70 -27.80 14.18
N THR B 191 -1.68 -27.03 14.65
CA THR B 191 -1.60 -25.57 14.53
C THR B 191 -0.66 -24.95 15.56
N LYS B 192 -0.16 -25.78 16.48
CA LYS B 192 0.75 -25.29 17.52
C LYS B 192 2.22 -25.60 17.22
N VAL B 193 2.49 -26.27 16.10
CA VAL B 193 3.84 -26.63 15.71
C VAL B 193 4.16 -25.96 14.37
N THR B 194 5.18 -25.10 14.35
CA THR B 194 5.52 -24.40 13.11
C THR B 194 6.05 -25.36 12.04
N GLY B 195 5.55 -25.22 10.82
CA GLY B 195 6.00 -26.07 9.73
C GLY B 195 5.16 -27.33 9.54
N ALA B 196 4.03 -27.43 10.24
CA ALA B 196 3.17 -28.60 10.12
C ALA B 196 2.69 -28.77 8.68
N GLY B 197 2.25 -27.67 8.06
CA GLY B 197 1.73 -27.67 6.69
C GLY B 197 2.81 -27.72 5.64
N CSD B 198 3.92 -27.17 6.00
CA CSD B 198 5.05 -27.24 5.14
CB CSD B 198 6.04 -26.14 5.49
SG CSD B 198 5.29 -24.49 5.71
C CSD B 198 5.62 -28.67 5.18
O CSD B 198 6.25 -29.11 4.23
OD1 CSD B 198 4.79 -24.34 7.20
OD2 CSD B 198 4.31 -24.20 4.53
N LEU B 199 5.42 -29.45 6.27
CA LEU B 199 5.92 -30.84 6.25
C LEU B 199 4.96 -31.65 5.41
N LEU B 200 3.67 -31.36 5.57
CA LEU B 200 2.63 -32.03 4.79
C LEU B 200 2.90 -31.90 3.28
N THR B 201 3.29 -30.70 2.84
CA THR B 201 3.58 -30.47 1.43
C THR B 201 4.74 -31.34 0.95
N SER B 202 5.77 -31.47 1.79
CA SER B 202 6.92 -32.29 1.47
C SER B 202 6.54 -33.78 1.42
N VAL B 203 5.59 -34.18 2.25
CA VAL B 203 5.14 -35.58 2.24
C VAL B 203 4.37 -35.86 0.95
N VAL B 204 3.61 -34.85 0.50
CA VAL B 204 2.86 -34.99 -0.76
C VAL B 204 3.86 -35.26 -1.89
N GLY B 205 5.00 -34.56 -1.82
CA GLY B 205 6.04 -34.75 -2.83
C GLY B 205 6.58 -36.16 -2.82
N ALA B 206 6.83 -36.67 -1.62
CA ALA B 206 7.33 -38.03 -1.45
C ALA B 206 6.40 -39.07 -2.09
N PHE B 207 5.09 -38.91 -1.87
CA PHE B 207 4.11 -39.84 -2.45
C PHE B 207 3.99 -39.66 -3.96
N CYS B 208 4.13 -38.42 -4.44
CA CYS B 208 4.05 -38.15 -5.87
C CYS B 208 5.20 -38.83 -6.60
N ALA B 209 6.27 -39.13 -5.87
CA ALA B 209 7.43 -39.77 -6.46
C ALA B 209 7.20 -41.25 -6.72
N VAL B 210 6.22 -41.86 -6.06
CA VAL B 210 5.96 -43.29 -6.24
C VAL B 210 4.59 -43.64 -6.83
N GLU B 211 3.70 -42.65 -6.95
CA GLU B 211 2.36 -42.87 -7.51
C GLU B 211 2.14 -41.93 -8.69
N GLU B 212 1.87 -42.48 -9.87
CA GLU B 212 1.68 -41.67 -11.07
C GLU B 212 0.59 -40.61 -11.04
N ASN B 213 -0.60 -40.95 -10.55
CA ASN B 213 -1.69 -39.96 -10.49
C ASN B 213 -1.53 -39.04 -9.28
N PRO B 214 -1.23 -37.75 -9.51
CA PRO B 214 -1.05 -36.79 -8.42
C PRO B 214 -2.23 -36.62 -7.45
N LEU B 215 -3.45 -36.79 -7.96
CA LEU B 215 -4.63 -36.67 -7.11
C LEU B 215 -4.61 -37.76 -6.03
N PHE B 216 -4.36 -39.00 -6.47
CA PHE B 216 -4.31 -40.14 -5.56
C PHE B 216 -3.12 -40.07 -4.62
N ALA B 217 -1.97 -39.63 -5.13
CA ALA B 217 -0.77 -39.51 -4.31
C ALA B 217 -1.00 -38.50 -3.19
N ALA B 218 -1.65 -37.39 -3.52
CA ALA B 218 -1.93 -36.34 -2.54
C ALA B 218 -2.95 -36.80 -1.51
N ILE B 219 -3.92 -37.62 -1.94
CA ILE B 219 -4.93 -38.12 -1.01
C ILE B 219 -4.27 -39.07 -0.02
N ALA B 220 -3.42 -39.97 -0.51
CA ALA B 220 -2.73 -40.92 0.35
C ALA B 220 -1.78 -40.22 1.32
N ALA B 221 -1.10 -39.17 0.85
CA ALA B 221 -0.18 -38.42 1.70
C ALA B 221 -0.90 -37.68 2.82
N ILE B 222 -1.95 -36.96 2.48
CA ILE B 222 -2.68 -36.21 3.50
C ILE B 222 -3.34 -37.14 4.52
N SER B 223 -3.84 -38.29 4.05
CA SER B 223 -4.47 -39.25 4.94
C SER B 223 -3.45 -39.86 5.89
N SER B 224 -2.32 -40.31 5.37
CA SER B 224 -1.29 -40.91 6.20
C SER B 224 -0.76 -39.94 7.26
N TYR B 225 -0.53 -38.69 6.87
CA TYR B 225 -0.04 -37.65 7.78
C TYR B 225 -1.03 -37.39 8.90
N GLY B 226 -2.31 -37.24 8.54
CA GLY B 226 -3.34 -36.97 9.52
C GLY B 226 -3.53 -38.10 10.52
N VAL B 227 -3.39 -39.33 10.05
CA VAL B 227 -3.54 -40.48 10.95
C VAL B 227 -2.39 -40.49 11.96
N ALA B 228 -1.17 -40.22 11.48
CA ALA B 228 -0.02 -40.18 12.37
C ALA B 228 -0.23 -39.09 13.43
N ALA B 229 -0.73 -37.94 13.00
CA ALA B 229 -0.99 -36.82 13.91
C ALA B 229 -2.02 -37.19 14.98
N GLN B 230 -3.06 -37.91 14.58
CA GLN B 230 -4.09 -38.33 15.55
C GLN B 230 -3.52 -39.31 16.58
N LEU B 231 -2.66 -40.23 16.13
CA LEU B 231 -2.06 -41.20 17.05
C LEU B 231 -1.08 -40.48 18.01
N ALA B 232 -0.41 -39.45 17.49
CA ALA B 232 0.54 -38.69 18.29
C ALA B 232 -0.20 -37.94 19.40
N ALA B 233 -1.35 -37.39 19.06
CA ALA B 233 -2.17 -36.65 20.04
C ALA B 233 -2.59 -37.54 21.20
N GLN B 234 -2.89 -38.81 20.94
CA GLN B 234 -3.28 -39.72 22.02
C GLN B 234 -2.14 -39.89 23.01
N GLN B 235 -0.95 -40.11 22.47
CA GLN B 235 0.25 -40.30 23.29
C GLN B 235 0.64 -39.04 24.05
N THR B 236 0.42 -37.89 23.42
CA THR B 236 0.76 -36.62 24.05
C THR B 236 -0.20 -36.29 25.19
N ALA B 237 -1.48 -36.52 24.96
CA ALA B 237 -2.49 -36.24 25.97
C ALA B 237 -2.40 -34.79 26.47
N ASP B 238 -2.13 -34.63 27.76
CA ASP B 238 -2.06 -33.31 28.38
C ASP B 238 -0.67 -32.67 28.45
N LYS B 239 0.35 -33.30 27.89
CA LYS B 239 1.71 -32.76 27.97
C LYS B 239 2.00 -31.41 27.34
N GLY B 240 1.55 -31.18 26.10
CA GLY B 240 1.81 -29.90 25.48
C GLY B 240 2.34 -29.94 24.05
N PRO B 241 2.43 -28.78 23.38
CA PRO B 241 2.92 -28.71 22.00
C PRO B 241 4.38 -29.14 21.79
N GLY B 242 5.19 -29.07 22.83
CA GLY B 242 6.58 -29.50 22.67
C GLY B 242 6.61 -31.02 22.51
N SER B 243 5.93 -31.70 23.43
CA SER B 243 5.89 -33.15 23.38
C SER B 243 5.18 -33.67 22.12
N PHE B 244 4.19 -32.93 21.63
CA PHE B 244 3.46 -33.34 20.42
C PHE B 244 4.37 -33.29 19.19
N GLN B 245 5.20 -32.26 19.11
CA GLN B 245 6.13 -32.11 17.98
C GLN B 245 7.01 -33.37 17.88
N ILE B 246 7.54 -33.79 19.01
CA ILE B 246 8.40 -34.98 19.07
C ILE B 246 7.60 -36.25 18.78
N GLU B 247 6.37 -36.34 19.30
CA GLU B 247 5.56 -37.52 19.06
C GLU B 247 5.14 -37.67 17.60
N LEU B 248 4.94 -36.54 16.92
CA LEU B 248 4.56 -36.56 15.52
C LEU B 248 5.68 -37.23 14.72
N LEU B 249 6.93 -36.85 15.00
CA LEU B 249 8.07 -37.45 14.29
C LEU B 249 8.12 -38.96 14.58
N ASN B 250 7.85 -39.36 15.83
CA ASN B 250 7.85 -40.78 16.18
C ASN B 250 6.79 -41.56 15.38
N LYS B 251 5.55 -41.06 15.37
CA LYS B 251 4.46 -41.75 14.66
C LYS B 251 4.61 -41.79 13.14
N LEU B 252 5.26 -40.78 12.55
CA LEU B 252 5.48 -40.80 11.11
C LEU B 252 6.33 -42.03 10.77
N SER B 253 7.11 -42.49 11.75
CA SER B 253 7.96 -43.65 11.56
C SER B 253 7.26 -44.96 11.95
N THR B 254 6.42 -44.92 12.99
CA THR B 254 5.75 -46.14 13.44
C THR B 254 4.34 -46.43 12.92
N VAL B 255 3.69 -45.45 12.29
CA VAL B 255 2.34 -45.70 11.76
C VAL B 255 2.40 -46.84 10.74
N THR B 256 1.43 -47.76 10.81
CA THR B 256 1.39 -48.92 9.91
C THR B 256 0.31 -48.88 8.82
N GLU B 257 0.35 -49.86 7.92
CA GLU B 257 -0.64 -49.97 6.86
C GLU B 257 -2.00 -50.18 7.52
N GLN B 258 -2.00 -50.99 8.58
CA GLN B 258 -3.23 -51.29 9.31
C GLN B 258 -3.84 -50.05 9.97
N ASP B 259 -2.98 -49.21 10.55
CA ASP B 259 -3.45 -47.99 11.20
C ASP B 259 -4.19 -47.14 10.17
N VAL B 260 -3.58 -46.96 9.00
CA VAL B 260 -4.18 -46.15 7.96
C VAL B 260 -5.51 -46.73 7.48
N GLN B 261 -5.58 -48.04 7.28
CA GLN B 261 -6.81 -48.67 6.82
C GLN B 261 -7.95 -48.46 7.83
N GLU B 262 -7.62 -48.53 9.11
CA GLU B 262 -8.59 -48.38 10.18
C GLU B 262 -9.03 -46.93 10.49
N TRP B 263 -8.12 -45.97 10.29
CA TRP B 263 -8.40 -44.56 10.60
C TRP B 263 -8.79 -43.60 9.47
N ALA B 264 -8.27 -43.82 8.27
CA ALA B 264 -8.53 -42.93 7.13
C ALA B 264 -10.00 -42.70 6.77
N THR B 265 -10.37 -41.42 6.70
CA THR B 265 -11.72 -41.01 6.36
C THR B 265 -11.69 -40.22 5.05
N ILE B 266 -11.89 -40.92 3.94
CA ILE B 266 -11.87 -40.31 2.61
C ILE B 266 -13.27 -40.35 2.00
N GLU B 267 -13.74 -39.20 1.53
CA GLU B 267 -15.08 -39.08 0.95
C GLU B 267 -15.12 -38.38 -0.41
N ARG B 268 -15.66 -39.05 -1.41
CA ARG B 268 -15.77 -38.47 -2.74
C ARG B 268 -17.00 -37.56 -2.82
N VAL B 269 -16.85 -36.43 -3.51
CA VAL B 269 -17.94 -35.47 -3.64
C VAL B 269 -18.59 -35.52 -5.01
C1 TZE C . 5.99 42.80 5.89
N1 TZE C . 5.87 42.87 7.27
C2 TZE C . 5.49 41.61 7.91
C3 TZE C . 5.36 40.64 6.95
S1 TZE C . 5.65 41.15 5.30
CM TZE C . 5.12 41.51 9.40
C1' TZE C . 5.09 39.15 7.07
C2' TZE C . 3.58 38.81 7.02
OXT TZE C . 3.18 38.96 5.65
S SO2 D . 17.67 40.66 2.67
O1 SO2 D . 17.21 39.77 3.67
O2 SO2 D . 18.25 41.77 3.24
C1 TZE E . 7.48 -17.35 7.45
N1 TZE E . 7.24 -17.21 8.81
C2 TZE E . 6.86 -18.47 9.48
C3 TZE E . 6.89 -19.49 8.57
S1 TZE E . 7.31 -19.03 6.93
CM TZE E . 6.35 -18.49 10.95
C1' TZE E . 6.70 -20.99 8.74
C2' TZE E . 5.22 -21.44 8.67
OXT TZE E . 4.92 -21.55 7.28
S SO2 F . 19.54 -18.41 5.20
O1 SO2 F . 19.08 -19.30 6.20
O2 SO2 F . 20.60 -18.87 4.36
#